data_1BEX
#
_entry.id   1BEX
#
_cell.length_a   100.600
_cell.length_b   35.400
_cell.length_c   74.700
_cell.angle_alpha   90.00
_cell.angle_beta   106.50
_cell.angle_gamma   90.00
#
_symmetry.space_group_name_H-M   'C 1 2 1'
#
loop_
_entity.id
_entity.type
_entity.pdbx_description
1 polymer AZURIN
2 non-polymer 'COPPER (II) ION'
3 non-polymer "RUTHEMIUM BIS(2,2'-BIPYRIDINE)-2-IMIDAZOLE"
4 water water
#
_entity_poly.entity_id   1
_entity_poly.type   'polypeptide(L)'
_entity_poly.pdbx_seq_one_letter_code
;AECSVDIQGNDQMQFNTNAITVDKSCKQFTVNLSHPGNLPKNVMGHNWVLSTAADMQGVVTDGMASGLDKDYLKPDDSRV
IAHTKLIGSGEKDSVTFDVSKLKEGEQYMFFCTFPGHSALMKGTLTLK
;
_entity_poly.pdbx_strand_id   A,B
#
# COMPACT_ATOMS: atom_id res chain seq x y z
N ALA A 1 19.98 7.44 -17.56
CA ALA A 1 19.99 7.76 -16.09
C ALA A 1 19.18 6.71 -15.32
N GLU A 2 19.45 6.52 -14.04
CA GLU A 2 18.77 5.49 -13.25
C GLU A 2 17.24 5.41 -13.36
N CYS A 3 16.72 4.19 -13.29
CA CYS A 3 15.29 3.99 -13.41
C CYS A 3 14.62 4.02 -12.04
N SER A 4 15.18 4.85 -11.16
CA SER A 4 14.61 5.01 -9.83
C SER A 4 15.21 6.26 -9.21
N VAL A 5 14.47 6.81 -8.25
CA VAL A 5 14.85 8.02 -7.52
C VAL A 5 14.47 7.81 -6.04
N ASP A 6 15.33 8.29 -5.15
CA ASP A 6 15.12 8.18 -3.70
C ASP A 6 14.66 9.52 -3.21
N ILE A 7 13.46 9.59 -2.66
CA ILE A 7 12.93 10.87 -2.17
C ILE A 7 12.80 10.88 -0.67
N GLN A 8 13.09 12.02 -0.06
CA GLN A 8 12.96 12.19 1.38
C GLN A 8 11.94 13.26 1.69
N GLY A 9 11.06 12.96 2.65
CA GLY A 9 10.05 13.93 3.07
C GLY A 9 10.40 14.10 4.54
N ASN A 10 10.83 15.30 4.93
CA ASN A 10 11.25 15.55 6.31
C ASN A 10 10.24 16.31 7.19
N ASP A 11 10.61 16.49 8.46
CA ASP A 11 9.78 17.16 9.46
C ASP A 11 9.54 18.63 9.23
N GLN A 12 10.16 19.20 8.21
CA GLN A 12 9.98 20.62 7.93
C GLN A 12 9.08 20.82 6.74
N MET A 13 8.37 19.75 6.35
CA MET A 13 7.45 19.80 5.23
C MET A 13 8.18 20.10 3.91
N GLN A 14 9.21 19.31 3.61
CA GLN A 14 9.97 19.50 2.38
C GLN A 14 10.33 18.17 1.72
N PHE A 15 10.36 18.17 0.39
CA PHE A 15 10.79 16.98 -0.33
C PHE A 15 12.23 17.35 -0.62
N ASN A 16 13.15 16.41 -0.73
CA ASN A 16 14.52 16.80 -1.03
C ASN A 16 14.69 17.07 -2.52
N THR A 17 13.58 17.32 -3.21
CA THR A 17 13.64 17.60 -4.64
C THR A 17 12.30 18.08 -5.19
N ASN A 18 12.35 18.96 -6.19
CA ASN A 18 11.11 19.46 -6.79
C ASN A 18 11.03 19.21 -8.30
N ALA A 19 11.87 18.32 -8.80
CA ALA A 19 11.84 18.00 -10.23
C ALA A 19 12.44 16.62 -10.43
N ILE A 20 11.65 15.75 -11.05
CA ILE A 20 12.08 14.40 -11.30
C ILE A 20 11.98 14.21 -12.80
N THR A 21 12.89 13.46 -13.38
CA THR A 21 12.79 13.23 -14.81
C THR A 21 12.88 11.76 -14.97
N VAL A 22 11.98 11.23 -15.78
CA VAL A 22 11.92 9.80 -16.01
C VAL A 22 12.50 9.45 -17.39
N ASP A 23 13.52 8.59 -17.37
CA ASP A 23 14.18 8.11 -18.57
C ASP A 23 13.25 7.26 -19.44
N LYS A 24 12.86 7.83 -20.57
CA LYS A 24 11.99 7.24 -21.58
C LYS A 24 12.29 5.76 -21.91
N SER A 25 13.56 5.37 -21.84
CA SER A 25 13.95 3.99 -22.15
C SER A 25 13.74 2.97 -21.05
N CYS A 26 13.54 3.43 -19.82
CA CYS A 26 13.29 2.52 -18.68
C CYS A 26 11.96 1.84 -18.95
N LYS A 27 11.84 0.54 -18.71
CA LYS A 27 10.54 -0.10 -18.90
C LYS A 27 9.67 0.31 -17.69
N GLN A 28 10.32 0.51 -16.55
CA GLN A 28 9.60 0.88 -15.34
C GLN A 28 10.36 1.94 -14.60
N PHE A 29 9.70 2.54 -13.59
CA PHE A 29 10.32 3.56 -12.76
C PHE A 29 9.87 3.37 -11.31
N THR A 30 10.82 3.50 -10.38
CA THR A 30 10.54 3.32 -8.96
C THR A 30 10.92 4.49 -8.10
N VAL A 31 10.00 4.87 -7.22
CA VAL A 31 10.24 5.96 -6.28
C VAL A 31 10.38 5.32 -4.89
N ASN A 32 11.45 5.70 -4.19
CA ASN A 32 11.74 5.22 -2.84
C ASN A 32 11.61 6.38 -1.87
N LEU A 33 10.51 6.41 -1.13
CA LEU A 33 10.27 7.47 -0.16
C LEU A 33 10.76 7.16 1.26
N SER A 34 11.35 8.14 1.92
CA SER A 34 11.77 7.95 3.30
C SER A 34 11.41 9.23 4.08
N HIS A 35 11.44 9.13 5.40
CA HIS A 35 11.06 10.25 6.26
C HIS A 35 12.06 10.56 7.38
N PRO A 36 13.14 11.30 7.06
CA PRO A 36 14.08 11.61 8.12
C PRO A 36 13.31 12.48 9.13
N GLY A 37 13.77 12.57 10.38
CA GLY A 37 13.07 13.38 11.36
C GLY A 37 12.47 12.53 12.46
N ASN A 38 11.56 13.12 13.25
CA ASN A 38 10.93 12.42 14.39
C ASN A 38 9.40 12.42 14.46
N LEU A 39 8.74 13.24 13.65
CA LEU A 39 7.28 13.32 13.71
C LEU A 39 6.53 12.15 13.11
N PRO A 40 5.55 11.61 13.85
CA PRO A 40 4.74 10.47 13.40
C PRO A 40 3.85 10.91 12.24
N LYS A 41 3.29 9.96 11.49
CA LYS A 41 2.47 10.28 10.32
C LYS A 41 1.17 11.01 10.58
N ASN A 42 0.54 10.78 11.73
CA ASN A 42 -0.71 11.47 12.03
C ASN A 42 -0.44 12.98 12.20
N VAL A 43 0.83 13.33 12.37
CA VAL A 43 1.24 14.72 12.58
C VAL A 43 2.06 15.27 11.42
N MET A 44 2.81 14.41 10.74
CA MET A 44 3.65 14.83 9.64
C MET A 44 3.82 13.75 8.59
N GLY A 45 2.75 13.02 8.28
CA GLY A 45 2.88 11.97 7.30
C GLY A 45 3.07 12.50 5.89
N HIS A 46 3.89 11.80 5.11
CA HIS A 46 4.16 12.20 3.75
C HIS A 46 3.94 11.04 2.81
N ASN A 47 3.37 11.32 1.63
CA ASN A 47 3.21 10.31 0.61
C ASN A 47 3.69 10.97 -0.67
N TRP A 48 3.87 10.16 -1.72
CA TRP A 48 4.32 10.66 -3.01
C TRP A 48 3.21 10.21 -3.96
N VAL A 49 2.54 11.20 -4.55
CA VAL A 49 1.42 10.97 -5.46
C VAL A 49 1.68 11.65 -6.80
N LEU A 50 1.29 10.96 -7.88
CA LEU A 50 1.51 11.49 -9.23
C LEU A 50 0.23 11.58 -10.07
N SER A 51 0.02 12.73 -10.69
CA SER A 51 -1.15 12.97 -11.55
C SER A 51 -0.72 13.97 -12.64
N THR A 52 -1.59 14.24 -13.62
CA THR A 52 -1.22 15.24 -14.62
C THR A 52 -1.22 16.52 -13.80
N ALA A 53 -0.76 17.61 -14.38
CA ALA A 53 -0.71 18.84 -13.63
C ALA A 53 -2.13 19.35 -13.41
N ALA A 54 -3.00 19.10 -14.40
CA ALA A 54 -4.38 19.55 -14.35
C ALA A 54 -5.26 18.87 -13.30
N ASP A 55 -4.91 17.64 -12.92
CA ASP A 55 -5.66 16.88 -11.94
C ASP A 55 -5.16 17.04 -10.50
N MET A 56 -3.98 17.61 -10.31
CA MET A 56 -3.41 17.78 -8.98
C MET A 56 -4.35 18.35 -7.92
N GLN A 57 -5.01 19.48 -8.23
CA GLN A 57 -5.90 20.13 -7.27
C GLN A 57 -7.05 19.30 -6.79
N GLY A 58 -7.68 18.61 -7.73
CA GLY A 58 -8.82 17.78 -7.38
C GLY A 58 -8.40 16.59 -6.54
N VAL A 59 -7.23 16.05 -6.84
CA VAL A 59 -6.73 14.89 -6.11
C VAL A 59 -6.38 15.30 -4.67
N VAL A 60 -5.85 16.52 -4.53
CA VAL A 60 -5.44 17.07 -3.25
C VAL A 60 -6.65 17.38 -2.37
N THR A 61 -7.65 18.07 -2.92
CA THR A 61 -8.84 18.39 -2.15
C THR A 61 -9.72 17.17 -1.81
N ASP A 62 -9.91 16.25 -2.77
CA ASP A 62 -10.71 15.07 -2.44
C ASP A 62 -9.89 14.22 -1.47
N GLY A 63 -8.57 14.30 -1.57
CA GLY A 63 -7.69 13.56 -0.71
C GLY A 63 -7.83 14.01 0.73
N MET A 64 -7.82 15.32 0.92
CA MET A 64 -7.95 15.87 2.26
C MET A 64 -9.17 15.34 2.96
N ALA A 65 -10.29 15.41 2.24
CA ALA A 65 -11.61 15.00 2.75
C ALA A 65 -11.77 13.51 3.03
N SER A 66 -10.82 12.70 2.56
CA SER A 66 -10.88 11.26 2.76
C SER A 66 -10.47 10.80 4.16
N GLY A 67 -9.62 11.59 4.82
CA GLY A 67 -9.16 11.24 6.15
C GLY A 67 -7.78 10.63 6.23
N LEU A 68 -7.29 10.45 7.46
CA LEU A 68 -5.98 9.85 7.72
C LEU A 68 -6.08 8.35 7.49
N ASP A 69 -7.19 7.75 7.88
CA ASP A 69 -7.42 6.32 7.72
C ASP A 69 -7.33 5.88 6.28
N LYS A 70 -7.38 6.85 5.37
CA LYS A 70 -7.34 6.55 3.94
C LYS A 70 -6.07 7.08 3.25
N ASP A 71 -5.15 7.59 4.06
CA ASP A 71 -3.88 8.10 3.56
C ASP A 71 -4.12 9.37 2.81
N TYR A 72 -5.17 10.08 3.24
CA TYR A 72 -5.59 11.34 2.63
C TYR A 72 -5.63 11.25 1.10
N LEU A 73 -6.26 10.19 0.61
CA LEU A 73 -6.40 9.91 -0.81
C LEU A 73 -7.81 9.31 -1.08
N LYS A 74 -8.52 9.85 -2.06
CA LYS A 74 -9.84 9.37 -2.40
C LYS A 74 -9.80 7.98 -2.99
N PRO A 75 -10.46 7.03 -2.34
CA PRO A 75 -10.49 5.65 -2.83
C PRO A 75 -10.86 5.60 -4.31
N ASP A 76 -10.11 4.84 -5.10
CA ASP A 76 -10.39 4.70 -6.52
C ASP A 76 -10.35 6.02 -7.29
N ASP A 77 -9.50 6.94 -6.87
CA ASP A 77 -9.42 8.17 -7.59
C ASP A 77 -8.80 7.85 -8.95
N SER A 78 -9.57 8.01 -10.02
CA SER A 78 -9.06 7.72 -11.36
C SER A 78 -7.93 8.63 -11.84
N ARG A 79 -7.78 9.79 -11.22
CA ARG A 79 -6.74 10.73 -11.60
C ARG A 79 -5.31 10.37 -11.13
N VAL A 80 -5.22 9.41 -10.20
CA VAL A 80 -3.93 9.00 -9.63
C VAL A 80 -3.19 8.02 -10.51
N ILE A 81 -2.04 8.43 -11.03
CA ILE A 81 -1.25 7.55 -11.91
C ILE A 81 -0.39 6.53 -11.13
N ALA A 82 0.18 7.00 -10.02
CA ALA A 82 1.01 6.18 -9.12
C ALA A 82 1.11 6.88 -7.76
N HIS A 83 1.31 6.11 -6.70
CA HIS A 83 1.40 6.64 -5.33
C HIS A 83 2.04 5.70 -4.34
N THR A 84 2.66 6.26 -3.30
CA THR A 84 3.23 5.46 -2.22
C THR A 84 2.19 5.58 -1.11
N LYS A 85 2.44 5.04 0.08
CA LYS A 85 1.45 5.24 1.14
C LYS A 85 1.89 6.42 1.98
N LEU A 86 1.11 6.77 3.00
CA LEU A 86 1.44 7.88 3.89
C LEU A 86 2.46 7.34 4.87
N ILE A 87 3.60 8.01 4.94
CA ILE A 87 4.71 7.57 5.80
C ILE A 87 5.02 8.53 6.96
N GLY A 88 5.51 7.95 8.06
CA GLY A 88 5.89 8.73 9.24
C GLY A 88 7.41 8.68 9.35
N SER A 89 7.99 9.56 10.16
CA SER A 89 9.43 9.59 10.30
C SER A 89 10.00 8.22 10.63
N GLY A 90 11.18 7.94 10.06
CA GLY A 90 11.85 6.66 10.26
C GLY A 90 11.21 5.56 9.45
N GLU A 91 10.18 5.88 8.68
CA GLU A 91 9.56 4.82 7.87
C GLU A 91 9.97 4.93 6.40
N LYS A 92 9.59 3.90 5.63
CA LYS A 92 9.89 3.84 4.19
C LYS A 92 8.81 3.12 3.37
N ASP A 93 8.72 3.50 2.10
CA ASP A 93 7.82 2.87 1.12
C ASP A 93 8.30 3.13 -0.32
N SER A 94 7.96 2.24 -1.23
CA SER A 94 8.34 2.37 -2.64
C SER A 94 7.22 2.00 -3.55
N VAL A 95 7.21 2.68 -4.70
CA VAL A 95 6.22 2.45 -5.71
C VAL A 95 6.95 2.31 -7.04
N THR A 96 6.49 1.35 -7.85
CA THR A 96 7.06 1.15 -9.17
C THR A 96 5.88 1.29 -10.11
N PHE A 97 6.07 1.96 -11.25
CA PHE A 97 5.02 2.07 -12.26
C PHE A 97 5.61 1.93 -13.68
N ASP A 98 4.78 1.53 -14.64
CA ASP A 98 5.24 1.36 -16.04
C ASP A 98 5.47 2.72 -16.67
N VAL A 99 6.64 2.89 -17.29
CA VAL A 99 6.97 4.14 -17.94
C VAL A 99 6.03 4.45 -19.09
N SER A 100 5.29 3.44 -19.56
CA SER A 100 4.34 3.62 -20.67
C SER A 100 3.04 4.36 -20.29
N LYS A 101 2.90 4.70 -19.02
CA LYS A 101 1.72 5.40 -18.54
C LYS A 101 1.88 6.86 -18.81
N LEU A 102 3.13 7.29 -18.98
CA LEU A 102 3.46 8.68 -19.23
C LEU A 102 3.51 8.98 -20.73
N LYS A 103 3.22 10.21 -21.10
CA LYS A 103 3.22 10.64 -22.49
C LYS A 103 4.11 11.84 -22.66
N GLU A 104 4.67 11.95 -23.86
CA GLU A 104 5.55 13.06 -24.19
C GLU A 104 4.69 14.32 -24.27
N GLY A 105 5.24 15.44 -23.84
CA GLY A 105 4.49 16.68 -23.91
C GLY A 105 3.54 16.91 -22.74
N GLU A 106 2.96 15.84 -22.19
CA GLU A 106 2.05 16.00 -21.07
C GLU A 106 2.84 16.53 -19.88
N GLN A 107 2.16 17.22 -18.97
CA GLN A 107 2.80 17.80 -17.78
C GLN A 107 2.36 17.11 -16.48
N TYR A 108 3.26 16.40 -15.81
CA TYR A 108 2.91 15.71 -14.58
C TYR A 108 3.39 16.46 -13.34
N MET A 109 2.80 16.12 -12.19
CA MET A 109 3.19 16.74 -10.94
C MET A 109 3.13 15.64 -9.92
N PHE A 110 4.09 15.65 -8.99
CA PHE A 110 4.11 14.68 -7.88
C PHE A 110 3.82 15.54 -6.62
N PHE A 111 3.18 14.97 -5.60
CA PHE A 111 2.84 15.78 -4.42
C PHE A 111 2.40 14.99 -3.20
N CYS A 112 2.38 15.66 -2.06
CA CYS A 112 1.94 15.02 -0.82
C CYS A 112 0.48 15.47 -0.58
N THR A 113 -0.40 14.57 -0.16
CA THR A 113 -1.77 15.02 0.04
C THR A 113 -2.17 15.14 1.50
N PHE A 114 -1.18 15.11 2.41
CA PHE A 114 -1.46 15.28 3.83
C PHE A 114 -1.91 16.74 3.86
N PRO A 115 -3.01 17.05 4.56
CA PRO A 115 -3.53 18.42 4.62
C PRO A 115 -2.54 19.58 4.77
N GLY A 116 -2.54 20.48 3.79
CA GLY A 116 -1.67 21.65 3.81
C GLY A 116 -0.23 21.43 3.33
N HIS A 117 0.14 20.18 3.04
CA HIS A 117 1.48 19.88 2.59
C HIS A 117 1.77 20.15 1.10
N SER A 118 0.77 19.98 0.25
CA SER A 118 0.91 20.17 -1.20
C SER A 118 1.39 21.53 -1.63
N ALA A 119 1.24 22.50 -0.74
CA ALA A 119 1.67 23.88 -0.99
C ALA A 119 3.18 23.98 -1.08
N LEU A 120 3.87 23.14 -0.33
CA LEU A 120 5.33 23.18 -0.30
C LEU A 120 5.94 21.92 -0.90
N MET A 121 5.33 20.78 -0.57
CA MET A 121 5.79 19.49 -1.05
C MET A 121 5.13 19.10 -2.36
N LYS A 122 5.66 19.62 -3.45
CA LYS A 122 5.15 19.34 -4.79
C LYS A 122 6.28 19.59 -5.80
N GLY A 123 6.14 18.98 -6.98
CA GLY A 123 7.17 19.13 -7.99
C GLY A 123 6.75 18.48 -9.29
N THR A 124 7.57 18.67 -10.33
CA THR A 124 7.28 18.15 -11.63
C THR A 124 7.97 16.83 -11.94
N LEU A 125 7.31 16.04 -12.78
CA LEU A 125 7.81 14.77 -13.24
C LEU A 125 7.65 14.91 -14.75
N THR A 126 8.76 14.78 -15.48
CA THR A 126 8.74 14.89 -16.93
C THR A 126 9.45 13.70 -17.55
N LEU A 127 8.89 13.21 -18.64
CA LEU A 127 9.41 12.05 -19.37
C LEU A 127 10.40 12.51 -20.44
N LYS A 128 11.67 12.17 -20.29
CA LYS A 128 12.71 12.60 -21.25
C LYS A 128 13.75 11.52 -21.65
N ALA B 1 1.94 -16.05 -15.17
CA ALA B 1 0.60 -15.64 -14.61
C ALA B 1 0.73 -14.26 -13.95
N GLU B 2 -0.37 -13.51 -13.85
CA GLU B 2 -0.34 -12.15 -13.28
C GLU B 2 0.39 -11.99 -11.97
N CYS B 3 1.03 -10.83 -11.81
CA CYS B 3 1.78 -10.54 -10.59
C CYS B 3 0.88 -9.84 -9.55
N SER B 4 -0.38 -10.22 -9.55
CA SER B 4 -1.31 -9.63 -8.61
C SER B 4 -2.55 -10.47 -8.59
N VAL B 5 -3.26 -10.42 -7.47
CA VAL B 5 -4.50 -11.17 -7.25
C VAL B 5 -5.48 -10.25 -6.50
N ASP B 6 -6.75 -10.34 -6.87
CA ASP B 6 -7.81 -9.53 -6.28
C ASP B 6 -8.58 -10.43 -5.33
N ILE B 7 -8.59 -10.07 -4.06
CA ILE B 7 -9.29 -10.89 -3.07
C ILE B 7 -10.47 -10.15 -2.47
N GLN B 8 -11.54 -10.89 -2.22
CA GLN B 8 -12.74 -10.33 -1.60
C GLN B 8 -13.00 -11.01 -0.27
N GLY B 9 -13.35 -10.19 0.72
CA GLY B 9 -13.69 -10.69 2.04
C GLY B 9 -15.10 -10.22 2.21
N ASN B 10 -16.06 -11.13 2.29
CA ASN B 10 -17.47 -10.74 2.41
C ASN B 10 -18.08 -10.82 3.80
N ASP B 11 -19.36 -10.43 3.89
CA ASP B 11 -20.09 -10.43 5.15
C ASP B 11 -20.36 -11.80 5.73
N GLN B 12 -20.02 -12.85 5.02
CA GLN B 12 -20.29 -14.19 5.53
C GLN B 12 -19.01 -14.82 6.06
N MET B 13 -17.99 -13.98 6.27
CA MET B 13 -16.70 -14.47 6.76
C MET B 13 -16.04 -15.43 5.79
N GLN B 14 -15.90 -15.02 4.53
CA GLN B 14 -15.26 -15.86 3.51
C GLN B 14 -14.34 -15.05 2.61
N PHE B 15 -13.26 -15.69 2.16
CA PHE B 15 -12.37 -15.05 1.21
C PHE B 15 -12.86 -15.72 -0.09
N ASN B 16 -12.76 -15.05 -1.22
CA ASN B 16 -13.23 -15.69 -2.42
C ASN B 16 -12.18 -16.67 -2.97
N THR B 17 -11.25 -17.09 -2.11
CA THR B 17 -10.19 -18.02 -2.51
C THR B 17 -9.41 -18.54 -1.33
N ASN B 18 -8.95 -19.79 -1.42
CA ASN B 18 -8.17 -20.37 -0.33
C ASN B 18 -6.78 -20.87 -0.78
N ALA B 19 -6.34 -20.43 -1.95
CA ALA B 19 -5.03 -20.83 -2.46
C ALA B 19 -4.55 -19.78 -3.44
N ILE B 20 -3.39 -19.21 -3.16
CA ILE B 20 -2.82 -18.21 -4.02
C ILE B 20 -1.48 -18.75 -4.45
N THR B 21 -1.08 -18.51 -5.69
CA THR B 21 0.24 -18.98 -6.10
C THR B 21 0.96 -17.77 -6.65
N VAL B 22 2.19 -17.61 -6.21
CA VAL B 22 2.97 -16.49 -6.63
C VAL B 22 4.01 -16.89 -7.67
N ASP B 23 3.91 -16.27 -8.85
CA ASP B 23 4.83 -16.47 -9.97
C ASP B 23 6.26 -16.03 -9.64
N LYS B 24 7.13 -17.03 -9.47
CA LYS B 24 8.55 -16.90 -9.16
C LYS B 24 9.29 -15.81 -9.94
N SER B 25 8.88 -15.59 -11.20
CA SER B 25 9.54 -14.56 -12.04
C SER B 25 9.10 -13.13 -11.81
N CYS B 26 7.99 -12.92 -11.12
CA CYS B 26 7.53 -11.56 -10.82
C CYS B 26 8.56 -10.93 -9.88
N LYS B 27 8.93 -9.67 -10.09
CA LYS B 27 9.85 -9.05 -9.13
C LYS B 27 9.04 -8.72 -7.88
N GLN B 28 7.75 -8.42 -8.06
CA GLN B 28 6.88 -8.09 -6.93
C GLN B 28 5.55 -8.75 -7.07
N PHE B 29 4.76 -8.73 -5.99
CA PHE B 29 3.42 -9.30 -6.01
C PHE B 29 2.47 -8.41 -5.22
N THR B 30 1.27 -8.21 -5.75
CA THR B 30 0.31 -7.33 -5.13
C THR B 30 -1.02 -7.98 -4.87
N VAL B 31 -1.52 -7.75 -3.66
CA VAL B 31 -2.84 -8.25 -3.29
C VAL B 31 -3.80 -7.05 -3.17
N ASN B 32 -4.96 -7.18 -3.83
CA ASN B 32 -5.98 -6.14 -3.80
C ASN B 32 -7.19 -6.66 -3.07
N LEU B 33 -7.38 -6.21 -1.84
CA LEU B 33 -8.52 -6.64 -1.01
C LEU B 33 -9.77 -5.77 -1.09
N SER B 34 -10.94 -6.39 -1.16
CA SER B 34 -12.17 -5.64 -1.19
C SER B 34 -13.19 -6.35 -0.29
N HIS B 35 -14.23 -5.61 0.09
CA HIS B 35 -15.23 -6.12 1.02
C HIS B 35 -16.68 -5.97 0.54
N PRO B 36 -17.16 -6.91 -0.31
CA PRO B 36 -18.56 -6.80 -0.73
C PRO B 36 -19.42 -6.97 0.53
N GLY B 37 -20.66 -6.51 0.50
CA GLY B 37 -21.53 -6.63 1.66
C GLY B 37 -21.81 -5.28 2.28
N ASN B 38 -22.32 -5.30 3.52
CA ASN B 38 -22.72 -4.09 4.23
C ASN B 38 -22.20 -3.89 5.66
N LEU B 39 -21.57 -4.89 6.24
CA LEU B 39 -21.07 -4.79 7.60
C LEU B 39 -19.79 -3.98 7.77
N PRO B 40 -19.80 -3.01 8.72
CA PRO B 40 -18.64 -2.15 8.98
C PRO B 40 -17.49 -2.96 9.57
N LYS B 41 -16.28 -2.40 9.59
CA LYS B 41 -15.13 -3.14 10.07
C LYS B 41 -15.09 -3.49 11.55
N ASN B 42 -15.70 -2.68 12.39
CA ASN B 42 -15.72 -2.97 13.81
C ASN B 42 -16.56 -4.23 14.06
N VAL B 43 -17.36 -4.61 13.06
CA VAL B 43 -18.24 -5.77 13.17
C VAL B 43 -17.84 -6.92 12.23
N MET B 44 -17.25 -6.58 11.08
CA MET B 44 -16.84 -7.58 10.10
C MET B 44 -15.61 -7.13 9.32
N GLY B 45 -14.63 -6.55 10.01
CA GLY B 45 -13.42 -6.10 9.34
C GLY B 45 -12.56 -7.25 8.85
N HIS B 46 -12.01 -7.14 7.64
CA HIS B 46 -11.16 -8.17 7.07
C HIS B 46 -9.83 -7.59 6.66
N ASN B 47 -8.76 -8.34 6.91
CA ASN B 47 -7.43 -7.94 6.46
C ASN B 47 -6.85 -9.18 5.78
N TRP B 48 -5.74 -8.98 5.07
CA TRP B 48 -5.04 -10.08 4.41
C TRP B 48 -3.63 -10.01 5.02
N VAL B 49 -3.25 -11.09 5.73
CA VAL B 49 -1.98 -11.18 6.41
C VAL B 49 -1.24 -12.44 5.98
N LEU B 50 0.08 -12.31 5.79
CA LEU B 50 0.89 -13.43 5.34
C LEU B 50 2.07 -13.75 6.26
N SER B 51 2.21 -15.04 6.60
CA SER B 51 3.28 -15.52 7.46
C SER B 51 3.62 -16.95 7.01
N THR B 52 4.65 -17.57 7.60
CA THR B 52 4.96 -18.94 7.28
C THR B 52 3.76 -19.67 7.89
N ALA B 53 3.62 -20.95 7.61
CA ALA B 53 2.49 -21.70 8.15
C ALA B 53 2.65 -21.87 9.67
N ALA B 54 3.91 -22.04 10.10
CA ALA B 54 4.24 -22.24 11.51
C ALA B 54 3.97 -21.04 12.41
N ASP B 55 4.07 -19.83 11.85
CA ASP B 55 3.87 -18.59 12.61
C ASP B 55 2.43 -18.09 12.64
N MET B 56 1.57 -18.67 11.80
CA MET B 56 0.18 -18.25 11.74
C MET B 56 -0.55 -18.10 13.07
N GLN B 57 -0.50 -19.15 13.88
CA GLN B 57 -1.18 -19.16 15.15
C GLN B 57 -0.78 -18.05 16.10
N GLY B 58 0.53 -17.84 16.21
CA GLY B 58 1.00 -16.82 17.11
C GLY B 58 0.61 -15.43 16.64
N VAL B 59 0.61 -15.25 15.33
CA VAL B 59 0.28 -13.94 14.77
C VAL B 59 -1.21 -13.64 15.00
N VAL B 60 -2.01 -14.70 14.91
CA VAL B 60 -3.45 -14.64 15.09
C VAL B 60 -3.81 -14.33 16.55
N THR B 61 -3.23 -15.06 17.50
CA THR B 61 -3.53 -14.81 18.91
C THR B 61 -2.94 -13.50 19.44
N ASP B 62 -1.72 -13.14 19.05
CA ASP B 62 -1.19 -11.86 19.52
C ASP B 62 -1.98 -10.72 18.83
N GLY B 63 -2.46 -11.00 17.63
CA GLY B 63 -3.21 -10.02 16.88
C GLY B 63 -4.56 -9.76 17.55
N MET B 64 -5.24 -10.82 17.96
CA MET B 64 -6.53 -10.64 18.66
C MET B 64 -6.40 -9.71 19.84
N ALA B 65 -5.38 -9.96 20.68
CA ALA B 65 -5.09 -9.21 21.88
C ALA B 65 -4.67 -7.76 21.68
N SER B 66 -4.32 -7.40 20.44
CA SER B 66 -3.89 -6.03 20.16
C SER B 66 -5.01 -5.01 20.03
N GLY B 67 -6.21 -5.48 19.69
CA GLY B 67 -7.33 -4.57 19.56
C GLY B 67 -7.72 -4.15 18.16
N LEU B 68 -8.87 -3.48 18.05
CA LEU B 68 -9.39 -2.99 16.79
C LEU B 68 -8.57 -1.79 16.37
N ASP B 69 -8.23 -0.96 17.34
CA ASP B 69 -7.43 0.23 17.07
C ASP B 69 -6.09 -0.10 16.43
N LYS B 70 -5.68 -1.37 16.47
CA LYS B 70 -4.39 -1.79 15.91
C LYS B 70 -4.57 -2.71 14.70
N ASP B 71 -5.81 -2.90 14.28
CA ASP B 71 -6.12 -3.75 13.15
C ASP B 71 -5.90 -5.17 13.52
N TYR B 72 -6.12 -5.45 14.79
CA TYR B 72 -5.95 -6.79 15.35
C TYR B 72 -4.65 -7.44 14.88
N LEU B 73 -3.58 -6.66 14.98
CA LEU B 73 -2.24 -7.08 14.60
C LEU B 73 -1.20 -6.55 15.60
N LYS B 74 -0.36 -7.43 16.11
CA LYS B 74 0.67 -7.01 17.07
C LYS B 74 1.70 -6.06 16.44
N PRO B 75 1.81 -4.84 16.97
CA PRO B 75 2.77 -3.86 16.44
C PRO B 75 4.17 -4.47 16.34
N ASP B 76 4.83 -4.30 15.20
CA ASP B 76 6.16 -4.84 15.01
C ASP B 76 6.24 -6.36 15.14
N ASP B 77 5.20 -7.06 14.73
CA ASP B 77 5.27 -8.52 14.82
C ASP B 77 6.27 -8.95 13.74
N SER B 78 7.41 -9.50 14.15
CA SER B 78 8.42 -9.95 13.18
C SER B 78 8.01 -11.13 12.29
N ARG B 79 6.96 -11.84 12.67
CA ARG B 79 6.48 -12.97 11.89
C ARG B 79 5.62 -12.58 10.66
N VAL B 80 5.21 -11.32 10.57
CA VAL B 80 4.38 -10.87 9.45
C VAL B 80 5.22 -10.51 8.25
N ILE B 81 5.04 -11.24 7.13
CA ILE B 81 5.79 -10.99 5.89
C ILE B 81 5.19 -9.85 5.06
N ALA B 82 3.86 -9.78 5.00
CA ALA B 82 3.12 -8.74 4.28
C ALA B 82 1.68 -8.71 4.81
N HIS B 83 1.04 -7.54 4.74
CA HIS B 83 -0.34 -7.37 5.21
C HIS B 83 -1.03 -6.13 4.65
N THR B 84 -2.36 -6.19 4.56
CA THR B 84 -3.19 -5.06 4.14
C THR B 84 -3.74 -4.53 5.47
N LYS B 85 -4.59 -3.51 5.44
CA LYS B 85 -5.13 -3.04 6.71
C LYS B 85 -6.50 -3.70 6.89
N LEU B 86 -7.15 -3.41 8.03
CA LEU B 86 -8.47 -4.00 8.33
C LEU B 86 -9.48 -3.21 7.56
N ILE B 87 -10.26 -3.90 6.75
CA ILE B 87 -11.23 -3.25 5.88
C ILE B 87 -12.69 -3.56 6.22
N GLY B 88 -13.57 -2.60 5.95
CA GLY B 88 -14.99 -2.76 6.20
C GLY B 88 -15.68 -2.83 4.84
N SER B 89 -16.94 -3.27 4.82
CA SER B 89 -17.65 -3.38 3.56
C SER B 89 -17.60 -2.10 2.71
N GLY B 90 -17.48 -2.28 1.40
CA GLY B 90 -17.41 -1.15 0.49
C GLY B 90 -16.04 -0.48 0.49
N GLU B 91 -15.11 -1.01 1.28
CA GLU B 91 -13.78 -0.42 1.32
C GLU B 91 -12.77 -1.25 0.56
N LYS B 92 -11.59 -0.67 0.35
CA LYS B 92 -10.51 -1.36 -0.38
C LYS B 92 -9.10 -1.03 0.16
N ASP B 93 -8.17 -1.97 -0.06
CA ASP B 93 -6.76 -1.79 0.28
C ASP B 93 -5.86 -2.72 -0.53
N SER B 94 -4.62 -2.30 -0.74
CA SER B 94 -3.65 -3.10 -1.48
C SER B 94 -2.30 -3.15 -0.82
N VAL B 95 -1.65 -4.30 -0.98
CA VAL B 95 -0.32 -4.48 -0.44
C VAL B 95 0.57 -5.10 -1.53
N THR B 96 1.78 -4.57 -1.67
CA THR B 96 2.73 -5.11 -2.66
C THR B 96 3.95 -5.52 -1.82
N PHE B 97 4.55 -6.67 -2.15
CA PHE B 97 5.76 -7.13 -1.47
C PHE B 97 6.73 -7.75 -2.48
N ASP B 98 8.03 -7.76 -2.15
CA ASP B 98 9.04 -8.33 -3.04
C ASP B 98 8.96 -9.84 -3.07
N VAL B 99 8.91 -10.40 -4.26
CA VAL B 99 8.81 -11.85 -4.39
C VAL B 99 10.03 -12.59 -3.79
N SER B 100 11.12 -11.85 -3.55
CA SER B 100 12.33 -12.42 -2.97
C SER B 100 12.21 -12.70 -1.46
N LYS B 101 11.07 -12.36 -0.87
CA LYS B 101 10.89 -12.61 0.55
C LYS B 101 10.47 -14.05 0.78
N LEU B 102 9.95 -14.67 -0.27
CA LEU B 102 9.47 -16.03 -0.22
C LEU B 102 10.58 -16.99 -0.64
N LYS B 103 10.49 -18.22 -0.15
CA LYS B 103 11.46 -19.26 -0.47
C LYS B 103 10.77 -20.48 -0.99
N GLU B 104 11.48 -21.22 -1.82
CA GLU B 104 10.96 -22.45 -2.41
C GLU B 104 10.88 -23.47 -1.27
N GLY B 105 9.88 -24.33 -1.33
CA GLY B 105 9.74 -25.34 -0.29
C GLY B 105 9.07 -24.87 0.98
N GLU B 106 9.27 -23.60 1.34
CA GLU B 106 8.65 -23.12 2.56
C GLU B 106 7.13 -23.11 2.33
N GLN B 107 6.36 -23.18 3.43
CA GLN B 107 4.90 -23.19 3.39
C GLN B 107 4.29 -21.92 4.00
N TYR B 108 3.67 -21.08 3.17
CA TYR B 108 3.08 -19.83 3.66
C TYR B 108 1.56 -19.95 3.84
N MET B 109 0.99 -19.05 4.62
CA MET B 109 -0.46 -19.03 4.84
C MET B 109 -0.85 -17.59 4.86
N PHE B 110 -2.00 -17.26 4.29
CA PHE B 110 -2.54 -15.90 4.33
C PHE B 110 -3.81 -16.01 5.23
N PHE B 111 -4.17 -14.94 5.93
CA PHE B 111 -5.34 -15.04 6.82
C PHE B 111 -5.85 -13.71 7.36
N CYS B 112 -7.04 -13.75 7.93
CA CYS B 112 -7.62 -12.55 8.51
C CYS B 112 -7.40 -12.65 10.05
N THR B 113 -7.04 -11.56 10.71
CA THR B 113 -6.82 -11.67 12.14
C THR B 113 -7.91 -11.04 12.99
N PHE B 114 -9.05 -10.73 12.36
CA PHE B 114 -10.18 -10.17 13.11
C PHE B 114 -10.60 -11.36 13.96
N PRO B 115 -10.86 -11.16 15.25
CA PRO B 115 -11.26 -12.25 16.14
C PRO B 115 -12.22 -13.31 15.63
N GLY B 116 -11.77 -14.56 15.56
CA GLY B 116 -12.61 -15.66 15.12
C GLY B 116 -12.68 -15.90 13.62
N HIS B 117 -12.11 -14.98 12.85
CA HIS B 117 -12.16 -15.09 11.40
C HIS B 117 -11.19 -16.06 10.77
N SER B 118 -10.00 -16.19 11.36
CA SER B 118 -8.95 -17.05 10.83
C SER B 118 -9.35 -18.50 10.63
N ALA B 119 -10.39 -18.91 11.34
CA ALA B 119 -10.91 -20.27 11.29
C ALA B 119 -11.49 -20.63 9.93
N LEU B 120 -12.05 -19.63 9.25
CA LEU B 120 -12.66 -19.82 7.95
C LEU B 120 -11.92 -19.07 6.86
N MET B 121 -11.49 -17.85 7.18
CA MET B 121 -10.78 -17.02 6.24
C MET B 121 -9.26 -17.23 6.35
N LYS B 122 -8.79 -18.27 5.68
CA LYS B 122 -7.38 -18.61 5.66
C LYS B 122 -7.09 -19.43 4.40
N GLY B 123 -5.83 -19.44 4.00
CA GLY B 123 -5.46 -20.18 2.81
C GLY B 123 -3.94 -20.21 2.59
N THR B 124 -3.51 -20.96 1.59
CA THR B 124 -2.09 -21.10 1.31
C THR B 124 -1.59 -20.19 0.21
N LEU B 125 -0.34 -19.83 0.32
CA LEU B 125 0.34 -19.00 -0.68
C LEU B 125 1.59 -19.85 -0.94
N THR B 126 1.82 -20.18 -2.21
CA THR B 126 2.97 -20.96 -2.58
C THR B 126 3.66 -20.28 -3.76
N LEU B 127 4.98 -20.30 -3.72
CA LEU B 127 5.83 -19.70 -4.74
C LEU B 127 6.08 -20.75 -5.82
N LYS B 128 5.62 -20.52 -7.05
CA LYS B 128 5.81 -21.47 -8.15
C LYS B 128 6.15 -20.84 -9.52
#